data_9INK
#
_entry.id   9INK
#
_cell.length_a   55.390
_cell.length_b   75.510
_cell.length_c   224.220
_cell.angle_alpha   90.00
_cell.angle_beta   90.00
_cell.angle_gamma   90.00
#
_symmetry.space_group_name_H-M   'C 2 2 21'
#
loop_
_entity.id
_entity.type
_entity.pdbx_description
1 polymer 'Yellow protein of the takeout family'
2 non-polymer BETA-CAROTENE
3 water water
#
_entity_poly.entity_id   1
_entity_poly.type   'polypeptide(L)'
_entity_poly.pdbx_seq_one_letter_code
;GPHMGVQTCNASSPDFQLCVRASLQQLIPELASGVPSIGAEGVDPLRGLPPIVHNSNGFKVQLDDVSISGLSATLINDVN
VDLTSNTIRIQATVPGYITATGIQTTDAEIMGIPLKGSGPFTISLANPSLAVTLTGAPSAGPNGQTYLRLTSASAAIEPG
TPTADIKGFFPQFPPLEAAASAFASVVAPDVVQSLKPTLDKWLGGVALQRAQAVFSSVSYDALFPGRTPAAVGLYRAVPG
LHTLPLPLSAFAYHK
;
_entity_poly.pdbx_strand_id   A,B
#
loop_
_chem_comp.id
_chem_comp.type
_chem_comp.name
_chem_comp.formula
BCR non-polymer BETA-CAROTENE 'C40 H56'
#
# COMPACT_ATOMS: atom_id res chain seq x y z
N GLN A 7 -23.40 -46.66 -18.13
CA GLN A 7 -23.01 -48.10 -18.23
C GLN A 7 -22.67 -48.52 -16.80
N THR A 8 -23.57 -49.26 -16.13
CA THR A 8 -23.30 -49.85 -14.82
C THR A 8 -22.13 -50.83 -15.00
N CYS A 9 -21.22 -50.86 -14.01
CA CYS A 9 -20.03 -51.70 -14.06
C CYS A 9 -20.26 -52.89 -13.11
N ASN A 10 -20.31 -54.13 -13.67
CA ASN A 10 -20.40 -55.34 -12.88
C ASN A 10 -19.08 -55.54 -12.13
N ALA A 11 -19.16 -55.67 -10.79
CA ALA A 11 -17.98 -55.82 -9.95
C ALA A 11 -17.19 -57.09 -10.28
N SER A 12 -17.88 -58.17 -10.62
CA SER A 12 -17.27 -59.44 -11.03
C SER A 12 -16.52 -59.37 -12.38
N SER A 13 -16.80 -58.36 -13.26
CA SER A 13 -16.30 -58.30 -14.64
C SER A 13 -14.79 -58.10 -14.66
N PRO A 14 -14.05 -58.71 -15.63
CA PRO A 14 -12.59 -58.66 -15.61
C PRO A 14 -11.99 -57.25 -15.61
N ASP A 15 -12.63 -56.29 -16.33
CA ASP A 15 -12.13 -54.91 -16.44
C ASP A 15 -13.16 -53.91 -15.87
N PHE A 16 -13.51 -54.16 -14.62
CA PHE A 16 -14.39 -53.26 -13.89
C PHE A 16 -13.74 -51.91 -13.60
N GLN A 17 -12.44 -51.94 -13.26
CA GLN A 17 -11.72 -50.71 -12.92
C GLN A 17 -11.69 -49.79 -14.14
N LEU A 18 -11.51 -50.39 -15.34
CA LEU A 18 -11.44 -49.68 -16.61
C LEU A 18 -12.84 -49.17 -16.99
N CYS A 19 -13.86 -50.01 -16.64
CA CYS A 19 -15.25 -49.71 -16.98
C CYS A 19 -15.72 -48.44 -16.23
N VAL A 20 -15.27 -48.32 -14.96
CA VAL A 20 -15.68 -47.19 -14.12
C VAL A 20 -14.99 -45.93 -14.63
N ARG A 21 -13.72 -46.07 -15.03
CA ARG A 21 -12.99 -44.95 -15.59
C ARG A 21 -13.75 -44.33 -16.78
N ALA A 22 -14.11 -45.19 -17.74
CA ALA A 22 -14.85 -44.81 -18.94
C ALA A 22 -16.24 -44.21 -18.64
N SER A 23 -16.96 -44.83 -17.66
CA SER A 23 -18.27 -44.41 -17.19
C SER A 23 -18.26 -42.99 -16.62
N LEU A 24 -17.25 -42.72 -15.78
CA LEU A 24 -17.08 -41.46 -15.09
C LEU A 24 -16.73 -40.36 -16.09
N GLN A 25 -15.90 -40.70 -17.11
CA GLN A 25 -15.50 -39.77 -18.16
C GLN A 25 -16.73 -39.27 -18.93
N GLN A 26 -17.62 -40.20 -19.33
CA GLN A 26 -18.91 -39.96 -20.00
C GLN A 26 -19.81 -39.03 -19.18
N LEU A 27 -19.75 -39.17 -17.85
CA LEU A 27 -20.64 -38.50 -16.92
C LEU A 27 -20.29 -37.03 -16.69
N ILE A 28 -19.00 -36.66 -16.78
CA ILE A 28 -18.47 -35.32 -16.55
C ILE A 28 -19.27 -34.26 -17.35
N PRO A 29 -19.44 -34.31 -18.71
CA PRO A 29 -20.26 -33.31 -19.41
C PRO A 29 -21.71 -33.14 -18.98
N GLU A 30 -22.32 -34.24 -18.51
CA GLU A 30 -23.71 -34.27 -18.04
C GLU A 30 -23.81 -33.67 -16.63
N LEU A 31 -22.72 -33.78 -15.85
CA LEU A 31 -22.62 -33.29 -14.49
C LEU A 31 -22.55 -31.76 -14.41
N ALA A 32 -22.22 -31.11 -15.54
CA ALA A 32 -21.97 -29.67 -15.65
C ALA A 32 -23.15 -28.85 -15.09
N SER A 33 -24.35 -29.04 -15.67
CA SER A 33 -25.56 -28.39 -15.20
C SER A 33 -26.19 -29.18 -14.05
N GLY A 34 -25.84 -30.48 -13.96
CA GLY A 34 -26.24 -31.36 -12.88
C GLY A 34 -27.21 -32.44 -13.33
N VAL A 35 -27.16 -33.59 -12.61
CA VAL A 35 -28.02 -34.74 -12.81
C VAL A 35 -28.88 -34.88 -11.56
N PRO A 36 -30.09 -34.22 -11.48
CA PRO A 36 -30.85 -34.15 -10.23
C PRO A 36 -31.61 -35.42 -9.88
N SER A 37 -31.72 -36.36 -10.83
CA SER A 37 -32.24 -37.71 -10.65
C SER A 37 -31.33 -38.56 -9.77
N ILE A 38 -30.02 -38.28 -9.75
CA ILE A 38 -29.01 -39.02 -9.01
C ILE A 38 -28.52 -38.19 -7.80
N GLY A 39 -29.17 -37.03 -7.56
CA GLY A 39 -28.89 -36.16 -6.42
C GLY A 39 -27.56 -35.42 -6.54
N ALA A 40 -27.09 -35.23 -7.81
CA ALA A 40 -25.82 -34.57 -8.10
C ALA A 40 -26.09 -33.15 -8.61
N GLU A 41 -25.61 -32.17 -7.81
CA GLU A 41 -25.55 -30.78 -8.17
C GLU A 41 -24.55 -30.56 -9.32
N GLY A 42 -24.72 -29.42 -10.02
CA GLY A 42 -23.86 -28.97 -11.10
C GLY A 42 -22.41 -28.83 -10.67
N VAL A 43 -21.49 -29.15 -11.61
CA VAL A 43 -20.04 -29.10 -11.39
C VAL A 43 -19.40 -27.99 -12.22
N ASP A 44 -20.13 -27.49 -13.24
CA ASP A 44 -19.69 -26.40 -14.10
C ASP A 44 -20.90 -25.51 -14.42
N PRO A 45 -21.22 -24.44 -13.64
CA PRO A 45 -20.44 -24.00 -12.47
C PRO A 45 -20.67 -24.79 -11.17
N LEU A 46 -19.58 -24.95 -10.41
CA LEU A 46 -19.59 -25.47 -9.06
C LEU A 46 -19.74 -24.26 -8.11
N ARG A 47 -20.99 -24.06 -7.63
CA ARG A 47 -21.42 -22.96 -6.77
C ARG A 47 -22.05 -23.51 -5.48
N GLY A 48 -22.47 -22.60 -4.59
CA GLY A 48 -23.10 -22.90 -3.31
C GLY A 48 -22.19 -23.68 -2.37
N LEU A 49 -20.93 -23.20 -2.31
CA LEU A 49 -19.83 -23.88 -1.63
C LEU A 49 -19.61 -23.24 -0.26
N PRO A 50 -19.04 -23.97 0.74
CA PRO A 50 -18.57 -23.31 1.97
C PRO A 50 -17.51 -22.22 1.75
N PRO A 51 -17.29 -21.29 2.73
CA PRO A 51 -16.12 -20.44 2.75
C PRO A 51 -14.81 -21.25 2.80
N ILE A 52 -13.83 -20.78 2.03
CA ILE A 52 -12.43 -21.13 2.19
C ILE A 52 -11.89 -20.20 3.28
N VAL A 53 -11.30 -20.77 4.35
CA VAL A 53 -10.75 -20.01 5.46
C VAL A 53 -9.31 -20.52 5.72
N HIS A 54 -8.36 -19.58 5.67
CA HIS A 54 -6.99 -19.71 6.15
C HIS A 54 -6.71 -18.62 7.17
N ASN A 55 -6.22 -19.05 8.35
CA ASN A 55 -5.75 -18.16 9.40
C ASN A 55 -4.40 -18.67 9.92
N SER A 56 -3.34 -17.97 9.47
CA SER A 56 -1.96 -18.10 9.88
C SER A 56 -1.44 -16.72 10.31
N ASN A 57 -0.30 -16.73 11.02
CA ASN A 57 0.36 -15.51 11.44
C ASN A 57 0.84 -14.71 10.20
N GLY A 58 0.35 -13.46 10.08
CA GLY A 58 0.53 -12.59 8.93
C GLY A 58 -0.12 -13.10 7.64
N PHE A 59 -1.20 -13.89 7.77
CA PHE A 59 -1.94 -14.46 6.65
C PHE A 59 -3.31 -14.95 7.05
N LYS A 60 -4.29 -14.02 7.04
CA LYS A 60 -5.71 -14.22 7.25
C LYS A 60 -6.42 -13.98 5.93
N VAL A 61 -7.09 -15.01 5.41
CA VAL A 61 -7.87 -14.96 4.17
C VAL A 61 -9.17 -15.74 4.36
N GLN A 62 -10.28 -15.10 3.99
CA GLN A 62 -11.55 -15.73 3.77
C GLN A 62 -12.00 -15.47 2.33
N LEU A 63 -12.40 -16.56 1.66
CA LEU A 63 -13.01 -16.54 0.34
C LEU A 63 -14.47 -17.01 0.45
N ASP A 64 -15.38 -16.11 0.09
CA ASP A 64 -16.82 -16.29 0.16
C ASP A 64 -17.39 -16.27 -1.26
N ASP A 65 -18.57 -16.90 -1.41
CA ASP A 65 -19.39 -16.94 -2.61
C ASP A 65 -18.62 -17.51 -3.80
N VAL A 66 -17.89 -18.61 -3.51
CA VAL A 66 -16.97 -19.23 -4.44
C VAL A 66 -17.80 -19.96 -5.51
N SER A 67 -17.48 -19.65 -6.77
CA SER A 67 -18.00 -20.30 -7.97
C SER A 67 -16.83 -20.65 -8.89
N ILE A 68 -16.74 -21.94 -9.28
CA ILE A 68 -15.69 -22.42 -10.16
C ILE A 68 -16.34 -22.84 -11.49
N SER A 69 -15.84 -22.23 -12.58
CA SER A 69 -16.16 -22.62 -13.95
C SER A 69 -15.01 -23.37 -14.61
N GLY A 70 -15.33 -24.21 -15.59
CA GLY A 70 -14.38 -24.83 -16.52
C GLY A 70 -14.21 -26.33 -16.28
N LEU A 71 -14.93 -26.88 -15.26
CA LEU A 71 -14.71 -28.23 -14.76
C LEU A 71 -15.34 -29.34 -15.61
N SER A 72 -16.07 -29.00 -16.69
CA SER A 72 -16.66 -30.02 -17.55
C SER A 72 -15.67 -30.52 -18.62
N ALA A 73 -14.46 -29.91 -18.67
CA ALA A 73 -13.37 -30.30 -19.54
C ALA A 73 -12.42 -31.33 -18.89
N THR A 74 -12.75 -31.76 -17.65
CA THR A 74 -11.96 -32.66 -16.81
C THR A 74 -11.75 -34.01 -17.52
N LEU A 75 -10.47 -34.41 -17.57
CA LEU A 75 -10.03 -35.72 -18.02
C LEU A 75 -9.63 -36.54 -16.79
N ILE A 76 -10.12 -37.78 -16.76
CA ILE A 76 -9.85 -38.75 -15.72
C ILE A 76 -8.62 -39.55 -16.15
N ASN A 77 -7.50 -39.37 -15.41
CA ASN A 77 -6.29 -40.15 -15.59
C ASN A 77 -6.53 -41.60 -15.15
N ASP A 78 -7.04 -41.76 -13.91
CA ASP A 78 -7.23 -43.04 -13.25
C ASP A 78 -8.35 -43.00 -12.24
N VAL A 79 -9.02 -44.16 -12.09
CA VAL A 79 -9.95 -44.51 -11.04
C VAL A 79 -9.45 -45.83 -10.45
N ASN A 80 -9.66 -46.02 -9.14
CA ASN A 80 -9.63 -47.31 -8.47
C ASN A 80 -10.81 -47.37 -7.50
N VAL A 81 -11.68 -48.39 -7.67
CA VAL A 81 -12.78 -48.71 -6.78
C VAL A 81 -12.44 -50.03 -6.09
N ASP A 82 -12.03 -49.94 -4.80
CA ASP A 82 -11.71 -51.13 -4.00
C ASP A 82 -12.88 -51.50 -3.10
N LEU A 83 -13.70 -52.43 -3.58
CA LEU A 83 -14.98 -52.81 -2.96
C LEU A 83 -14.79 -53.66 -1.69
N THR A 84 -13.54 -54.04 -1.38
CA THR A 84 -13.15 -54.68 -0.13
C THR A 84 -13.09 -53.65 1.01
N SER A 85 -12.49 -52.47 0.77
CA SER A 85 -12.32 -51.42 1.79
C SER A 85 -13.32 -50.28 1.63
N ASN A 86 -14.06 -50.29 0.49
CA ASN A 86 -14.99 -49.29 0.03
C ASN A 86 -14.28 -47.94 -0.11
N THR A 87 -13.28 -47.92 -1.01
CA THR A 87 -12.36 -46.80 -1.18
C THR A 87 -12.22 -46.50 -2.68
N ILE A 88 -12.63 -45.28 -3.05
CA ILE A 88 -12.54 -44.75 -4.40
C ILE A 88 -11.41 -43.71 -4.41
N ARG A 89 -10.38 -44.00 -5.23
CA ARG A 89 -9.30 -43.09 -5.58
C ARG A 89 -9.45 -42.64 -7.02
N ILE A 90 -9.43 -41.31 -7.26
CA ILE A 90 -9.51 -40.71 -8.59
C ILE A 90 -8.33 -39.76 -8.75
N GLN A 91 -7.61 -39.90 -9.87
CA GLN A 91 -6.66 -38.94 -10.40
C GLN A 91 -7.29 -38.31 -11.66
N ALA A 92 -7.46 -36.97 -11.63
CA ALA A 92 -8.03 -36.18 -12.71
C ALA A 92 -7.18 -34.94 -13.03
N THR A 93 -7.26 -34.44 -14.29
CA THR A 93 -6.62 -33.23 -14.79
C THR A 93 -7.63 -32.44 -15.65
N VAL A 94 -7.55 -31.11 -15.54
CA VAL A 94 -8.27 -30.19 -16.42
C VAL A 94 -7.23 -29.65 -17.42
N PRO A 95 -7.35 -29.95 -18.75
CA PRO A 95 -6.58 -29.22 -19.77
C PRO A 95 -7.15 -27.81 -19.93
N GLY A 96 -6.25 -26.85 -20.15
CA GLY A 96 -6.62 -25.44 -20.29
C GLY A 96 -6.83 -24.81 -18.91
N TYR A 97 -8.00 -24.15 -18.70
CA TYR A 97 -8.18 -23.41 -17.47
C TYR A 97 -9.53 -23.71 -16.79
N ILE A 98 -9.48 -23.58 -15.46
CA ILE A 98 -10.62 -23.33 -14.58
C ILE A 98 -10.49 -21.91 -14.01
N THR A 99 -11.64 -21.29 -13.69
CA THR A 99 -11.73 -19.92 -13.15
C THR A 99 -12.66 -19.89 -11.93
N ALA A 100 -12.15 -19.32 -10.84
CA ALA A 100 -12.91 -19.11 -9.62
C ALA A 100 -13.14 -17.63 -9.38
N THR A 101 -14.37 -17.33 -8.95
CA THR A 101 -14.85 -15.99 -8.59
C THR A 101 -15.46 -16.04 -7.19
N GLY A 102 -15.41 -14.91 -6.49
CA GLY A 102 -16.12 -14.66 -5.26
C GLY A 102 -15.68 -13.38 -4.59
N ILE A 103 -15.83 -13.30 -3.27
CA ILE A 103 -15.41 -12.17 -2.45
C ILE A 103 -14.26 -12.65 -1.59
N GLN A 104 -13.12 -11.97 -1.72
CA GLN A 104 -11.99 -12.08 -0.80
C GLN A 104 -12.14 -11.11 0.37
N THR A 105 -11.80 -11.57 1.57
CA THR A 105 -11.48 -10.72 2.71
C THR A 105 -10.12 -11.19 3.25
N THR A 106 -9.11 -10.33 3.11
CA THR A 106 -7.71 -10.61 3.42
C THR A 106 -7.21 -9.57 4.43
N ASP A 107 -6.38 -10.07 5.34
CA ASP A 107 -5.49 -9.29 6.21
C ASP A 107 -4.15 -10.03 6.27
N ALA A 108 -3.18 -9.53 5.51
CA ALA A 108 -1.90 -10.22 5.27
C ALA A 108 -0.77 -9.23 5.08
N GLU A 109 0.42 -9.65 5.53
CA GLU A 109 1.70 -9.10 5.14
C GLU A 109 2.31 -10.08 4.14
N ILE A 110 2.42 -9.67 2.87
CA ILE A 110 3.02 -10.50 1.84
C ILE A 110 4.23 -9.76 1.28
N MET A 111 5.39 -10.37 1.56
CA MET A 111 6.72 -10.00 1.08
C MET A 111 7.02 -8.52 1.36
N GLY A 112 6.61 -8.06 2.55
CA GLY A 112 6.85 -6.69 3.03
C GLY A 112 5.65 -5.75 2.87
N ILE A 113 4.61 -6.15 2.12
CA ILE A 113 3.51 -5.26 1.70
C ILE A 113 2.21 -5.62 2.44
N PRO A 114 1.52 -4.61 3.09
CA PRO A 114 0.24 -4.84 3.75
C PRO A 114 -0.91 -4.95 2.75
N LEU A 115 -1.70 -6.01 2.91
CA LEU A 115 -2.89 -6.27 2.11
C LEU A 115 -4.03 -6.55 3.10
N LYS A 116 -4.74 -5.47 3.45
CA LYS A 116 -5.93 -5.49 4.27
C LYS A 116 -7.07 -4.87 3.47
N GLY A 117 -8.16 -5.64 3.32
CA GLY A 117 -9.37 -5.21 2.63
C GLY A 117 -10.17 -6.37 2.04
N SER A 118 -11.26 -5.98 1.37
CA SER A 118 -12.32 -6.84 0.92
C SER A 118 -12.88 -6.37 -0.41
N GLY A 119 -13.08 -7.32 -1.33
CA GLY A 119 -13.55 -7.02 -2.68
C GLY A 119 -13.61 -8.25 -3.57
N PRO A 120 -14.09 -8.14 -4.84
CA PRO A 120 -14.23 -9.30 -5.72
C PRO A 120 -12.87 -9.87 -6.14
N PHE A 121 -12.86 -11.16 -6.44
CA PHE A 121 -11.70 -11.83 -6.99
C PHE A 121 -12.08 -12.56 -8.27
N THR A 122 -11.08 -12.69 -9.16
CA THR A 122 -11.06 -13.67 -10.24
C THR A 122 -9.69 -14.33 -10.24
N ILE A 123 -9.64 -15.68 -10.18
CA ILE A 123 -8.41 -16.40 -10.44
C ILE A 123 -8.68 -17.48 -11.49
N SER A 124 -7.84 -17.44 -12.53
CA SER A 124 -7.68 -18.51 -13.50
C SER A 124 -6.52 -19.41 -13.06
N LEU A 125 -6.79 -20.72 -13.04
CA LEU A 125 -5.76 -21.73 -12.87
C LEU A 125 -5.59 -22.55 -14.14
N ALA A 126 -4.40 -22.47 -14.74
CA ALA A 126 -4.00 -23.20 -15.93
C ALA A 126 -3.45 -24.58 -15.56
N ASN A 127 -3.91 -25.61 -16.30
CA ASN A 127 -3.62 -27.04 -16.14
C ASN A 127 -3.56 -27.49 -14.66
N PRO A 128 -4.68 -27.43 -13.89
CA PRO A 128 -4.72 -28.04 -12.57
C PRO A 128 -4.99 -29.54 -12.60
N SER A 129 -4.59 -30.22 -11.54
CA SER A 129 -4.94 -31.62 -11.32
C SER A 129 -5.44 -31.82 -9.89
N LEU A 130 -6.04 -33.01 -9.67
CA LEU A 130 -6.52 -33.44 -8.37
C LEU A 130 -6.38 -34.97 -8.19
N ALA A 131 -5.94 -35.35 -6.99
CA ALA A 131 -6.05 -36.70 -6.45
C ALA A 131 -7.05 -36.68 -5.31
N VAL A 132 -8.10 -37.49 -5.42
CA VAL A 132 -9.17 -37.62 -4.44
C VAL A 132 -9.18 -39.06 -3.95
N THR A 133 -9.35 -39.22 -2.63
CA THR A 133 -9.66 -40.48 -1.95
C THR A 133 -10.95 -40.28 -1.18
N LEU A 134 -11.92 -41.19 -1.38
CA LEU A 134 -13.16 -41.29 -0.64
C LEU A 134 -13.23 -42.66 0.05
N THR A 135 -13.61 -42.69 1.33
CA THR A 135 -13.80 -43.90 2.12
C THR A 135 -15.20 -43.86 2.74
N GLY A 136 -15.86 -45.02 2.75
CA GLY A 136 -16.97 -45.30 3.64
C GLY A 136 -17.13 -46.80 3.94
N ALA A 137 -18.35 -47.14 4.37
CA ALA A 137 -18.80 -48.48 4.73
C ALA A 137 -20.23 -48.68 4.21
N PRO A 138 -20.63 -49.90 3.77
CA PRO A 138 -22.00 -50.17 3.33
C PRO A 138 -22.94 -50.21 4.55
N SER A 139 -24.17 -49.79 4.31
CA SER A 139 -25.12 -49.50 5.38
C SER A 139 -26.52 -49.88 4.86
N ALA A 140 -27.13 -50.88 5.53
CA ALA A 140 -28.48 -51.33 5.21
C ALA A 140 -29.49 -50.28 5.70
N GLY A 141 -30.19 -49.64 4.74
CA GLY A 141 -31.25 -48.67 5.02
C GLY A 141 -32.58 -49.37 5.33
N PRO A 142 -33.64 -48.67 5.85
CA PRO A 142 -34.87 -49.33 6.29
C PRO A 142 -35.65 -50.18 5.28
N ASN A 143 -35.47 -49.94 3.94
CA ASN A 143 -35.92 -50.81 2.86
C ASN A 143 -35.27 -52.21 2.83
N GLY A 144 -34.07 -52.35 3.45
CA GLY A 144 -33.15 -53.46 3.21
C GLY A 144 -32.13 -53.18 2.12
N GLN A 145 -32.31 -52.08 1.39
CA GLN A 145 -31.42 -51.61 0.35
C GLN A 145 -30.12 -51.05 0.94
N THR A 146 -28.98 -51.38 0.32
CA THR A 146 -27.67 -51.11 0.88
C THR A 146 -27.10 -49.87 0.16
N TYR A 147 -26.80 -48.83 0.98
CA TYR A 147 -26.25 -47.57 0.54
C TYR A 147 -24.86 -47.41 1.16
N LEU A 148 -23.96 -46.79 0.39
CA LEU A 148 -22.61 -46.50 0.85
C LEU A 148 -22.64 -45.19 1.64
N ARG A 149 -22.25 -45.29 2.92
CA ARG A 149 -22.16 -44.14 3.80
C ARG A 149 -20.69 -43.74 3.92
N LEU A 150 -20.30 -42.76 3.12
CA LEU A 150 -18.97 -42.17 3.09
C LEU A 150 -18.69 -41.41 4.38
N THR A 151 -17.44 -41.54 4.88
CA THR A 151 -17.02 -41.05 6.19
C THR A 151 -15.86 -40.04 6.09
N SER A 152 -14.99 -40.20 5.07
CA SER A 152 -13.83 -39.35 4.86
C SER A 152 -13.59 -39.08 3.38
N ALA A 153 -13.01 -37.91 3.13
CA ALA A 153 -12.39 -37.54 1.87
C ALA A 153 -11.14 -36.70 2.15
N SER A 154 -10.07 -37.04 1.42
CA SER A 154 -8.89 -36.19 1.26
C SER A 154 -8.67 -35.86 -0.21
N ALA A 155 -8.08 -34.69 -0.43
CA ALA A 155 -7.89 -34.07 -1.74
C ALA A 155 -6.46 -33.57 -1.83
N ALA A 156 -5.81 -33.78 -3.00
CA ALA A 156 -4.46 -33.29 -3.25
C ALA A 156 -4.47 -32.48 -4.54
N ILE A 157 -4.73 -31.16 -4.39
CA ILE A 157 -4.80 -30.23 -5.50
C ILE A 157 -3.35 -29.93 -5.92
N GLU A 158 -3.12 -30.09 -7.23
CA GLU A 158 -2.00 -29.45 -7.94
C GLU A 158 -2.60 -28.27 -8.69
N PRO A 159 -2.43 -27.00 -8.21
CA PRO A 159 -3.21 -25.87 -8.72
C PRO A 159 -2.80 -25.32 -10.10
N GLY A 160 -1.59 -25.69 -10.57
CA GLY A 160 -1.00 -25.20 -11.80
C GLY A 160 -0.70 -23.70 -11.71
N THR A 161 -0.76 -23.02 -12.87
CA THR A 161 -0.31 -21.65 -13.05
C THR A 161 -1.48 -20.68 -12.78
N PRO A 162 -1.39 -19.86 -11.68
CA PRO A 162 -2.42 -18.86 -11.35
C PRO A 162 -2.29 -17.51 -12.03
N THR A 163 -3.42 -16.99 -12.50
CA THR A 163 -3.59 -15.62 -13.02
C THR A 163 -4.76 -14.95 -12.30
N ALA A 164 -4.50 -13.79 -11.70
CA ALA A 164 -5.36 -13.25 -10.64
C ALA A 164 -5.63 -11.76 -10.84
N ASP A 165 -6.92 -11.39 -10.65
CA ASP A 165 -7.38 -10.02 -10.65
C ASP A 165 -8.18 -9.83 -9.36
N ILE A 166 -7.57 -9.10 -8.41
CA ILE A 166 -8.07 -8.98 -7.04
C ILE A 166 -8.22 -7.51 -6.67
N LYS A 167 -9.47 -7.13 -6.35
CA LYS A 167 -9.88 -5.78 -5.96
C LYS A 167 -10.10 -5.75 -4.45
N GLY A 168 -10.10 -4.54 -3.85
CA GLY A 168 -10.50 -4.28 -2.47
C GLY A 168 -9.38 -3.76 -1.58
N PHE A 169 -8.14 -3.73 -2.09
CA PHE A 169 -6.98 -3.28 -1.36
C PHE A 169 -6.73 -1.81 -1.63
N PHE A 170 -6.32 -1.07 -0.58
CA PHE A 170 -6.26 0.38 -0.52
C PHE A 170 -7.45 1.00 -1.26
N PRO A 171 -8.74 0.75 -0.81
CA PRO A 171 -9.91 1.34 -1.49
C PRO A 171 -9.95 2.88 -1.58
N GLN A 172 -9.16 3.54 -0.71
CA GLN A 172 -9.20 4.96 -0.46
C GLN A 172 -8.39 5.74 -1.49
N PHE A 173 -7.59 5.07 -2.33
CA PHE A 173 -6.92 5.72 -3.46
C PHE A 173 -6.87 4.76 -4.67
N PRO A 174 -7.61 5.04 -5.78
CA PRO A 174 -7.66 4.13 -6.92
C PRO A 174 -6.38 3.62 -7.60
N PRO A 175 -5.31 4.44 -7.90
CA PRO A 175 -4.03 3.92 -8.43
C PRO A 175 -3.31 2.91 -7.54
N LEU A 176 -3.45 3.09 -6.21
CA LEU A 176 -2.91 2.21 -5.20
C LEU A 176 -3.67 0.87 -5.20
N GLU A 177 -5.00 0.93 -5.39
CA GLU A 177 -5.85 -0.24 -5.59
C GLU A 177 -5.40 -1.02 -6.84
N ALA A 178 -5.23 -0.31 -7.97
CA ALA A 178 -4.82 -0.84 -9.26
C ALA A 178 -3.44 -1.54 -9.20
N ALA A 179 -2.49 -0.93 -8.47
CA ALA A 179 -1.15 -1.47 -8.25
C ALA A 179 -1.18 -2.66 -7.27
N ALA A 180 -2.08 -2.64 -6.28
CA ALA A 180 -2.29 -3.77 -5.38
C ALA A 180 -2.93 -4.96 -6.09
N SER A 181 -3.76 -4.72 -7.11
CA SER A 181 -4.28 -5.75 -8.00
C SER A 181 -3.14 -6.43 -8.78
N ALA A 182 -2.20 -5.59 -9.31
CA ALA A 182 -1.03 -6.01 -10.06
C ALA A 182 -0.09 -6.86 -9.20
N PHE A 183 0.16 -6.41 -7.95
CA PHE A 183 1.02 -7.07 -6.98
C PHE A 183 0.48 -8.46 -6.68
N ALA A 184 -0.85 -8.57 -6.52
CA ALA A 184 -1.57 -9.80 -6.23
C ALA A 184 -1.34 -10.85 -7.32
N SER A 185 -1.29 -10.40 -8.60
CA SER A 185 -1.07 -11.24 -9.77
C SER A 185 0.34 -11.85 -9.79
N VAL A 186 1.35 -11.01 -9.44
CA VAL A 186 2.77 -11.38 -9.38
C VAL A 186 3.02 -12.40 -8.26
N VAL A 187 2.34 -12.23 -7.10
CA VAL A 187 2.52 -13.07 -5.92
C VAL A 187 1.60 -14.29 -5.96
N ALA A 188 0.59 -14.29 -6.84
CA ALA A 188 -0.42 -15.35 -6.99
C ALA A 188 0.17 -16.76 -7.02
N PRO A 189 1.22 -17.12 -7.80
CA PRO A 189 1.80 -18.48 -7.72
C PRO A 189 2.13 -18.93 -6.31
N ASP A 190 2.80 -18.05 -5.54
CA ASP A 190 3.31 -18.30 -4.20
C ASP A 190 2.16 -18.40 -3.19
N VAL A 191 1.20 -17.48 -3.29
CA VAL A 191 0.01 -17.36 -2.44
C VAL A 191 -0.81 -18.65 -2.56
N VAL A 192 -1.06 -19.10 -3.81
CA VAL A 192 -1.87 -20.28 -4.12
C VAL A 192 -1.16 -21.54 -3.58
N GLN A 193 0.17 -21.59 -3.78
CA GLN A 193 1.04 -22.66 -3.31
C GLN A 193 1.00 -22.81 -1.80
N SER A 194 0.93 -21.69 -1.06
CA SER A 194 0.85 -21.71 0.40
C SER A 194 -0.59 -21.91 0.89
N LEU A 195 -1.57 -21.69 0.02
CA LEU A 195 -3.00 -21.92 0.31
C LEU A 195 -3.41 -23.37 0.06
N LYS A 196 -2.54 -24.14 -0.62
CA LYS A 196 -2.76 -25.50 -1.05
C LYS A 196 -3.32 -26.38 0.08
N PRO A 197 -2.73 -26.49 1.30
CA PRO A 197 -3.33 -27.31 2.37
C PRO A 197 -4.73 -26.92 2.86
N THR A 198 -5.03 -25.62 2.85
CA THR A 198 -6.36 -25.06 3.15
C THR A 198 -7.35 -25.50 2.09
N LEU A 199 -6.95 -25.37 0.82
CA LEU A 199 -7.76 -25.68 -0.35
C LEU A 199 -8.04 -27.19 -0.44
N ASP A 200 -7.00 -28.00 -0.08
CA ASP A 200 -7.05 -29.44 0.03
C ASP A 200 -8.16 -29.91 0.98
N LYS A 201 -8.17 -29.35 2.22
CA LYS A 201 -9.14 -29.71 3.25
C LYS A 201 -10.55 -29.27 2.86
N TRP A 202 -10.66 -28.08 2.24
CA TRP A 202 -11.89 -27.50 1.72
C TRP A 202 -12.50 -28.35 0.62
N LEU A 203 -11.70 -28.70 -0.41
CA LEU A 203 -12.13 -29.53 -1.52
C LEU A 203 -12.60 -30.90 -1.03
N GLY A 204 -11.82 -31.51 -0.12
CA GLY A 204 -12.14 -32.73 0.60
C GLY A 204 -13.57 -32.72 1.14
N GLY A 205 -13.93 -31.67 1.87
CA GLY A 205 -15.23 -31.47 2.49
C GLY A 205 -16.38 -31.42 1.50
N VAL A 206 -16.16 -30.66 0.39
CA VAL A 206 -17.06 -30.50 -0.74
C VAL A 206 -17.25 -31.85 -1.44
N ALA A 207 -16.15 -32.53 -1.73
CA ALA A 207 -16.10 -33.85 -2.36
C ALA A 207 -16.86 -34.89 -1.52
N LEU A 208 -16.69 -34.83 -0.18
CA LEU A 208 -17.41 -35.66 0.77
C LEU A 208 -18.91 -35.43 0.64
N GLN A 209 -19.35 -34.18 0.76
CA GLN A 209 -20.75 -33.76 0.87
C GLN A 209 -21.47 -34.05 -0.46
N ARG A 210 -20.82 -33.79 -1.59
CA ARG A 210 -21.45 -33.87 -2.89
C ARG A 210 -21.55 -35.33 -3.36
N ALA A 211 -20.56 -36.17 -3.01
CA ALA A 211 -20.64 -37.61 -3.28
C ALA A 211 -21.66 -38.29 -2.37
N GLN A 212 -21.73 -37.92 -1.10
CA GLN A 212 -22.69 -38.44 -0.13
C GLN A 212 -24.13 -38.25 -0.61
N ALA A 213 -24.40 -37.14 -1.30
CA ALA A 213 -25.67 -36.81 -1.93
C ALA A 213 -26.01 -37.82 -3.04
N VAL A 214 -25.01 -38.24 -3.81
CA VAL A 214 -25.12 -39.26 -4.86
C VAL A 214 -25.30 -40.65 -4.21
N PHE A 215 -24.49 -40.95 -3.19
CA PHE A 215 -24.45 -42.25 -2.55
C PHE A 215 -25.64 -42.48 -1.63
N SER A 216 -26.32 -41.39 -1.19
CA SER A 216 -27.62 -41.46 -0.50
C SER A 216 -28.74 -41.88 -1.44
N SER A 217 -28.69 -41.45 -2.69
CA SER A 217 -29.81 -41.55 -3.62
C SER A 217 -29.80 -42.85 -4.42
N VAL A 218 -28.59 -43.30 -4.83
CA VAL A 218 -28.39 -44.50 -5.62
C VAL A 218 -27.72 -45.55 -4.74
N SER A 219 -28.33 -46.76 -4.72
CA SER A 219 -27.85 -47.87 -3.90
C SER A 219 -26.54 -48.47 -4.45
N TYR A 220 -25.74 -49.05 -3.52
CA TYR A 220 -24.42 -49.60 -3.83
C TYR A 220 -24.51 -50.78 -4.83
N ASP A 221 -25.62 -51.56 -4.71
CA ASP A 221 -25.93 -52.72 -5.54
C ASP A 221 -26.40 -52.35 -6.93
N ALA A 222 -26.98 -51.14 -7.08
CA ALA A 222 -27.42 -50.59 -8.35
C ALA A 222 -26.24 -50.04 -9.16
N LEU A 223 -25.31 -49.35 -8.48
CA LEU A 223 -24.09 -48.81 -9.06
C LEU A 223 -23.12 -49.91 -9.47
N PHE A 224 -22.89 -50.87 -8.54
CA PHE A 224 -21.93 -51.94 -8.71
C PHE A 224 -22.62 -53.30 -8.49
N PRO A 225 -23.33 -53.87 -9.50
CA PRO A 225 -23.94 -55.21 -9.33
C PRO A 225 -22.93 -56.32 -9.08
N GLY A 226 -23.29 -57.27 -8.21
CA GLY A 226 -22.58 -58.54 -8.04
C GLY A 226 -21.48 -58.45 -6.97
N ARG A 227 -21.81 -58.65 -5.69
CA ARG A 227 -20.84 -58.50 -4.61
C ARG A 227 -21.38 -59.18 -3.34
N THR B 8 23.37 51.53 2.59
CA THR B 8 23.10 52.09 3.96
C THR B 8 21.99 53.18 3.88
N CYS B 9 20.83 52.86 4.45
CA CYS B 9 19.68 53.75 4.67
C CYS B 9 19.84 54.59 5.96
N ASN B 10 19.58 55.92 5.92
CA ASN B 10 19.67 56.79 7.11
C ASN B 10 18.36 56.75 7.92
N ALA B 11 18.44 56.52 9.25
CA ALA B 11 17.24 56.46 10.11
C ALA B 11 16.43 57.77 10.11
N SER B 12 17.12 58.93 10.10
CA SER B 12 16.51 60.26 10.03
C SER B 12 16.10 60.69 8.62
N SER B 13 16.40 59.91 7.54
CA SER B 13 15.97 60.22 6.18
C SER B 13 14.45 60.04 6.04
N PRO B 14 13.78 60.88 5.18
CA PRO B 14 12.31 61.02 5.14
C PRO B 14 11.61 59.68 5.03
N ASP B 15 12.11 58.85 4.08
CA ASP B 15 11.77 57.45 4.02
C ASP B 15 13.03 56.62 4.20
N PHE B 16 12.94 55.74 5.21
CA PHE B 16 13.96 54.78 5.64
C PHE B 16 13.36 53.37 5.59
N GLN B 17 12.09 53.19 6.01
CA GLN B 17 11.42 51.89 5.96
C GLN B 17 11.35 51.31 4.54
N LEU B 18 11.13 52.18 3.55
CA LEU B 18 11.11 51.76 2.14
C LEU B 18 12.54 51.55 1.62
N CYS B 19 13.51 52.36 2.11
CA CYS B 19 14.92 52.15 1.79
C CYS B 19 15.46 50.78 2.22
N VAL B 20 15.03 50.27 3.39
CA VAL B 20 15.48 48.98 3.89
C VAL B 20 14.83 47.87 3.06
N ARG B 21 13.55 48.04 2.72
CA ARG B 21 12.85 47.11 1.86
C ARG B 21 13.62 46.93 0.55
N ALA B 22 13.92 48.05 -0.11
CA ALA B 22 14.66 48.08 -1.36
C ALA B 22 16.08 47.51 -1.24
N SER B 23 16.82 47.80 -0.13
CA SER B 23 18.17 47.31 0.19
C SER B 23 18.23 45.79 0.17
N LEU B 24 17.26 45.22 0.89
CA LEU B 24 17.12 43.79 1.07
C LEU B 24 16.75 43.14 -0.26
N GLN B 25 15.88 43.77 -1.04
CA GLN B 25 15.47 43.27 -2.34
C GLN B 25 16.67 43.10 -3.28
N GLN B 26 17.54 44.15 -3.36
CA GLN B 26 18.80 44.14 -4.11
C GLN B 26 19.72 42.99 -3.67
N LEU B 27 19.74 42.68 -2.36
CA LEU B 27 20.65 41.74 -1.75
C LEU B 27 20.28 40.28 -2.01
N ILE B 28 18.99 39.96 -2.22
CA ILE B 28 18.51 38.59 -2.34
C ILE B 28 19.26 37.85 -3.46
N PRO B 29 19.37 38.32 -4.73
CA PRO B 29 20.19 37.65 -5.74
C PRO B 29 21.66 37.37 -5.40
N GLU B 30 22.26 38.28 -4.62
CA GLU B 30 23.65 38.16 -4.21
C GLU B 30 23.78 37.14 -3.07
N LEU B 31 22.73 37.00 -2.25
CA LEU B 31 22.67 36.08 -1.12
C LEU B 31 22.63 34.62 -1.55
N ALA B 32 22.23 34.37 -2.81
CA ALA B 32 21.98 33.06 -3.34
C ALA B 32 23.16 32.12 -3.07
N SER B 33 24.36 32.44 -3.59
CA SER B 33 25.54 31.61 -3.38
C SER B 33 26.24 32.05 -2.09
N GLY B 34 25.92 33.25 -1.58
CA GLY B 34 26.34 33.70 -0.27
C GLY B 34 27.38 34.84 -0.37
N VAL B 35 27.33 35.72 0.65
CA VAL B 35 28.11 36.94 0.77
C VAL B 35 28.99 36.75 2.00
N PRO B 36 30.24 36.22 1.88
CA PRO B 36 31.07 35.94 3.04
C PRO B 36 31.71 37.18 3.69
N SER B 37 31.65 38.35 3.02
CA SER B 37 32.04 39.63 3.58
C SER B 37 31.10 40.10 4.70
N ILE B 38 29.80 39.73 4.63
CA ILE B 38 28.82 40.07 5.68
C ILE B 38 28.46 38.83 6.53
N GLY B 39 29.21 37.71 6.39
CA GLY B 39 29.06 36.50 7.19
C GLY B 39 27.79 35.69 6.88
N ALA B 40 27.25 35.86 5.65
CA ALA B 40 25.98 35.30 5.21
C ALA B 40 26.22 34.10 4.30
N GLU B 41 25.80 32.92 4.78
CA GLU B 41 25.71 31.68 4.02
C GLU B 41 24.69 31.84 2.87
N GLY B 42 24.83 30.97 1.85
CA GLY B 42 23.95 30.93 0.70
C GLY B 42 22.50 30.64 1.08
N VAL B 43 21.57 31.28 0.36
CA VAL B 43 20.13 31.14 0.56
C VAL B 43 19.48 30.41 -0.61
N ASP B 44 20.18 30.24 -1.74
CA ASP B 44 19.69 29.51 -2.91
C ASP B 44 20.87 28.76 -3.51
N PRO B 45 21.21 27.50 -3.13
CA PRO B 45 20.46 26.71 -2.15
C PRO B 45 20.71 27.09 -0.68
N LEU B 46 19.65 26.98 0.10
CA LEU B 46 19.66 27.03 1.54
C LEU B 46 19.88 25.61 2.05
N ARG B 47 21.15 25.31 2.43
CA ARG B 47 21.61 23.98 2.87
C ARG B 47 22.30 24.12 4.23
N GLY B 48 22.84 22.99 4.76
CA GLY B 48 23.51 22.91 6.06
C GLY B 48 22.54 23.21 7.22
N LEU B 49 21.30 22.69 7.10
CA LEU B 49 20.19 23.04 7.96
C LEU B 49 19.98 21.91 8.97
N PRO B 50 19.35 22.16 10.14
CA PRO B 50 18.92 21.07 11.02
C PRO B 50 17.89 20.08 10.43
N PRO B 51 17.66 18.92 11.07
CA PRO B 51 16.51 18.07 10.75
C PRO B 51 15.20 18.78 11.03
N ILE B 52 14.19 18.52 10.21
CA ILE B 52 12.80 18.76 10.56
C ILE B 52 12.32 17.50 11.28
N VAL B 53 11.75 17.65 12.49
CA VAL B 53 11.18 16.50 13.23
C VAL B 53 9.73 16.80 13.66
N HIS B 54 8.81 15.86 13.33
CA HIS B 54 7.44 15.84 13.84
C HIS B 54 7.11 14.45 14.37
N ASN B 55 6.67 14.38 15.64
CA ASN B 55 6.07 13.18 16.21
C ASN B 55 4.86 13.59 17.06
N SER B 56 3.65 13.49 16.45
CA SER B 56 2.38 13.56 17.15
C SER B 56 1.33 12.72 16.43
N ASN B 57 0.34 12.25 17.18
CA ASN B 57 -0.98 11.80 16.71
C ASN B 57 -0.83 10.73 15.63
N GLY B 58 0.00 9.71 15.93
CA GLY B 58 0.37 8.61 15.05
C GLY B 58 1.04 8.99 13.73
N PHE B 59 1.72 10.16 13.66
CA PHE B 59 2.31 10.71 12.44
C PHE B 59 3.75 11.11 12.79
N LYS B 60 4.70 10.23 12.42
CA LYS B 60 6.08 10.28 12.84
C LYS B 60 6.87 10.51 11.56
N VAL B 61 7.57 11.65 11.47
CA VAL B 61 8.30 12.05 10.27
C VAL B 61 9.58 12.72 10.71
N GLN B 62 10.69 12.30 10.10
CA GLN B 62 11.95 13.01 10.10
C GLN B 62 12.37 13.31 8.67
N LEU B 63 12.70 14.59 8.45
CA LEU B 63 13.32 15.04 7.22
C LEU B 63 14.78 15.46 7.49
N ASP B 64 15.74 14.76 6.85
CA ASP B 64 17.16 15.02 6.96
C ASP B 64 17.71 15.53 5.63
N ASP B 65 18.92 16.11 5.69
CA ASP B 65 19.70 16.56 4.55
C ASP B 65 18.92 17.59 3.74
N VAL B 66 18.22 18.52 4.42
CA VAL B 66 17.26 19.41 3.78
C VAL B 66 18.04 20.50 3.04
N SER B 67 17.69 20.67 1.75
CA SER B 67 18.18 21.73 0.87
C SER B 67 16.99 22.38 0.14
N ILE B 68 16.91 23.72 0.17
CA ILE B 68 15.82 24.45 -0.49
C ILE B 68 16.38 25.33 -1.60
N SER B 69 15.83 25.14 -2.80
CA SER B 69 16.14 25.97 -3.95
C SER B 69 14.95 26.90 -4.25
N GLY B 70 15.26 27.96 -4.99
CA GLY B 70 14.30 28.86 -5.61
C GLY B 70 14.18 30.20 -4.91
N LEU B 71 14.91 30.38 -3.79
CA LEU B 71 14.73 31.50 -2.87
C LEU B 71 15.34 32.81 -3.38
N SER B 72 16.05 32.82 -4.53
CA SER B 72 16.60 34.07 -5.04
C SER B 72 15.59 34.88 -5.85
N ALA B 73 14.38 34.33 -6.09
CA ALA B 73 13.25 35.06 -6.67
C ALA B 73 12.34 35.77 -5.63
N THR B 74 12.72 35.75 -4.34
CA THR B 74 11.97 36.30 -3.23
C THR B 74 11.73 37.80 -3.44
N LEU B 75 10.45 38.18 -3.33
CA LEU B 75 9.99 39.56 -3.25
C LEU B 75 9.64 39.87 -1.80
N ILE B 76 10.14 41.03 -1.36
CA ILE B 76 9.92 41.55 -0.03
C ILE B 76 8.70 42.49 -0.13
N ASN B 77 7.59 42.08 0.48
CA ASN B 77 6.36 42.86 0.54
C ASN B 77 6.52 44.02 1.50
N ASP B 78 7.07 43.78 2.70
CA ASP B 78 7.35 44.84 3.65
C ASP B 78 8.53 44.46 4.57
N VAL B 79 9.24 45.49 5.05
CA VAL B 79 10.19 45.41 6.15
C VAL B 79 9.74 46.46 7.16
N ASN B 80 9.97 46.15 8.44
CA ASN B 80 9.89 47.13 9.51
C ASN B 80 11.04 46.90 10.48
N VAL B 81 11.87 47.95 10.69
CA VAL B 81 13.04 47.96 11.57
C VAL B 81 12.71 48.93 12.72
N ASP B 82 12.31 48.41 13.90
CA ASP B 82 11.85 49.20 15.02
C ASP B 82 13.01 49.33 16.00
N LEU B 83 13.74 50.45 15.86
CA LEU B 83 14.96 50.75 16.60
C LEU B 83 14.70 50.99 18.09
N THR B 84 13.43 51.21 18.47
CA THR B 84 13.02 51.33 19.85
C THR B 84 13.04 49.97 20.56
N SER B 85 12.52 48.89 19.96
CA SER B 85 12.49 47.56 20.62
C SER B 85 13.56 46.61 20.09
N ASN B 86 14.29 47.07 19.04
CA ASN B 86 15.23 46.32 18.22
C ASN B 86 14.56 45.06 17.66
N THR B 87 13.54 45.29 16.79
CA THR B 87 12.68 44.26 16.21
C THR B 87 12.55 44.45 14.70
N ILE B 88 13.01 43.45 13.93
CA ILE B 88 12.86 43.43 12.47
C ILE B 88 11.76 42.44 12.13
N ARG B 89 10.69 42.96 11.49
CA ARG B 89 9.58 42.21 10.94
C ARG B 89 9.69 42.29 9.41
N ILE B 90 9.66 41.12 8.74
CA ILE B 90 9.73 41.04 7.30
C ILE B 90 8.52 40.22 6.85
N GLN B 91 7.83 40.72 5.82
CA GLN B 91 6.86 39.97 5.05
C GLN B 91 7.49 39.80 3.66
N ALA B 92 7.69 38.52 3.26
CA ALA B 92 8.17 38.12 1.94
C ALA B 92 7.26 37.11 1.23
N THR B 93 7.28 37.09 -0.12
CA THR B 93 6.63 36.12 -1.01
C THR B 93 7.63 35.70 -2.11
N VAL B 94 7.59 34.41 -2.48
CA VAL B 94 8.32 33.90 -3.63
C VAL B 94 7.28 33.71 -4.73
N PRO B 95 7.31 34.45 -5.87
CA PRO B 95 6.52 34.12 -7.05
C PRO B 95 7.11 32.87 -7.72
N GLY B 96 6.22 32.00 -8.19
CA GLY B 96 6.59 30.69 -8.72
C GLY B 96 6.91 29.69 -7.62
N TYR B 97 8.04 29.00 -7.73
CA TYR B 97 8.29 27.75 -7.01
C TYR B 97 9.60 27.82 -6.20
N ILE B 98 9.50 27.39 -4.93
CA ILE B 98 10.61 26.84 -4.17
C ILE B 98 10.43 25.31 -4.05
N THR B 99 11.58 24.61 -3.93
CA THR B 99 11.64 23.16 -3.90
C THR B 99 12.62 22.73 -2.83
N ALA B 100 12.17 21.75 -2.03
CA ALA B 100 12.99 21.17 -0.99
C ALA B 100 13.25 19.70 -1.27
N THR B 101 14.48 19.27 -0.93
CA THR B 101 14.97 17.94 -1.18
C THR B 101 15.63 17.45 0.10
N GLY B 102 15.58 16.14 0.33
CA GLY B 102 16.25 15.51 1.44
C GLY B 102 15.89 14.03 1.52
N ILE B 103 16.12 13.44 2.71
CA ILE B 103 15.69 12.09 3.06
C ILE B 103 14.51 12.24 4.00
N GLN B 104 13.37 11.63 3.63
CA GLN B 104 12.26 11.36 4.54
C GLN B 104 12.45 9.99 5.19
N THR B 105 12.19 9.92 6.50
CA THR B 105 11.83 8.67 7.16
C THR B 105 10.50 8.90 7.85
N THR B 106 9.47 8.14 7.45
CA THR B 106 8.09 8.33 7.88
C THR B 106 7.57 7.01 8.42
N ASP B 107 6.65 7.14 9.38
CA ASP B 107 5.78 6.08 9.88
C ASP B 107 4.45 6.73 10.25
N ALA B 108 3.45 6.52 9.39
CA ALA B 108 2.18 7.22 9.48
C ALA B 108 1.04 6.37 8.92
N GLU B 109 -0.17 6.63 9.41
CA GLU B 109 -1.44 6.28 8.77
C GLU B 109 -2.01 7.60 8.27
N ILE B 110 -2.12 7.75 6.95
CA ILE B 110 -2.59 9.00 6.37
C ILE B 110 -3.80 8.65 5.51
N MET B 111 -4.94 9.16 5.92
CA MET B 111 -6.23 9.09 5.25
C MET B 111 -6.54 7.64 4.88
N GLY B 112 -6.27 6.71 5.83
CA GLY B 112 -6.56 5.29 5.69
C GLY B 112 -5.39 4.43 5.19
N ILE B 113 -4.27 5.04 4.73
CA ILE B 113 -3.18 4.32 4.06
C ILE B 113 -1.91 4.33 4.93
N PRO B 114 -1.27 3.16 5.15
CA PRO B 114 -0.02 3.08 5.90
C PRO B 114 1.14 3.51 5.01
N LEU B 115 1.96 4.41 5.55
CA LEU B 115 3.17 4.91 4.90
C LEU B 115 4.28 4.78 5.93
N LYS B 116 4.98 3.64 5.83
CA LYS B 116 6.17 3.31 6.62
C LYS B 116 7.30 3.05 5.62
N GLY B 117 8.38 3.84 5.76
CA GLY B 117 9.58 3.66 4.97
C GLY B 117 10.37 4.95 4.86
N SER B 118 11.42 4.88 4.03
CA SER B 118 12.52 5.83 3.97
C SER B 118 13.01 5.94 2.52
N GLY B 119 13.23 7.16 2.07
CA GLY B 119 13.67 7.41 0.71
C GLY B 119 13.80 8.90 0.44
N PRO B 120 14.27 9.32 -0.76
CA PRO B 120 14.40 10.74 -1.09
C PRO B 120 13.03 11.37 -1.18
N PHE B 121 13.02 12.70 -0.98
CA PHE B 121 11.82 13.48 -1.21
C PHE B 121 12.17 14.65 -2.08
N THR B 122 11.15 15.10 -2.82
CA THR B 122 11.13 16.41 -3.44
C THR B 122 9.77 17.03 -3.13
N ILE B 123 9.74 18.30 -2.69
CA ILE B 123 8.46 18.97 -2.44
C ILE B 123 8.54 20.40 -2.97
N SER B 124 7.65 20.70 -3.90
CA SER B 124 7.60 21.99 -4.56
C SER B 124 6.42 22.75 -3.97
N LEU B 125 6.67 23.97 -3.51
CA LEU B 125 5.63 24.88 -3.08
C LEU B 125 5.48 26.02 -4.11
N ALA B 126 4.27 26.17 -4.69
CA ALA B 126 3.92 27.29 -5.58
C ALA B 126 3.40 28.48 -4.74
N ASN B 127 3.87 29.70 -5.05
CA ASN B 127 3.63 30.99 -4.37
C ASN B 127 3.49 30.91 -2.84
N PRO B 128 4.55 30.49 -2.11
CA PRO B 128 4.57 30.57 -0.65
C PRO B 128 5.01 31.94 -0.16
N SER B 129 4.72 32.21 1.12
CA SER B 129 5.09 33.45 1.76
C SER B 129 5.56 33.16 3.16
N LEU B 130 6.14 34.19 3.79
CA LEU B 130 6.67 34.13 5.14
C LEU B 130 6.54 35.50 5.83
N ALA B 131 6.19 35.45 7.12
CA ALA B 131 6.36 36.56 8.03
C ALA B 131 7.42 36.12 9.04
N VAL B 132 8.48 36.94 9.16
CA VAL B 132 9.56 36.73 10.12
C VAL B 132 9.57 37.89 11.10
N THR B 133 9.84 37.57 12.36
CA THR B 133 10.10 38.54 13.42
C THR B 133 11.41 38.14 14.07
N LEU B 134 12.35 39.08 14.17
CA LEU B 134 13.64 38.90 14.82
C LEU B 134 13.75 39.95 15.94
N THR B 135 14.14 39.54 17.16
CA THR B 135 14.21 40.42 18.32
C THR B 135 15.56 40.25 18.98
N GLY B 136 16.15 41.39 19.41
CA GLY B 136 17.33 41.40 20.26
C GLY B 136 17.46 42.70 21.04
N ALA B 137 18.71 43.03 21.40
CA ALA B 137 19.13 44.17 22.22
C ALA B 137 20.47 44.68 21.70
N PRO B 138 20.86 45.96 21.90
CA PRO B 138 22.15 46.43 21.41
C PRO B 138 23.24 45.95 22.37
N SER B 139 24.43 45.79 21.82
CA SER B 139 25.62 45.24 22.47
C SER B 139 26.82 46.05 21.93
N ALA B 140 27.60 46.70 22.80
CA ALA B 140 28.81 47.41 22.39
C ALA B 140 29.89 46.36 22.08
N GLY B 141 30.31 46.31 20.81
CA GLY B 141 31.23 45.28 20.35
C GLY B 141 32.69 45.76 20.46
N PRO B 142 33.65 44.86 20.07
CA PRO B 142 35.07 45.20 20.03
C PRO B 142 35.30 46.51 19.27
N ASN B 143 35.92 47.48 19.95
CA ASN B 143 36.28 48.78 19.39
C ASN B 143 35.05 49.64 19.05
N GLY B 144 33.95 49.47 19.81
CA GLY B 144 33.08 50.58 20.16
C GLY B 144 31.97 50.85 19.16
N GLN B 145 31.86 50.01 18.12
CA GLN B 145 30.68 50.00 17.25
C GLN B 145 29.60 49.21 18.02
N THR B 146 28.34 49.55 17.74
CA THR B 146 27.17 48.89 18.34
C THR B 146 26.67 47.79 17.39
N TYR B 147 26.58 46.54 17.88
CA TYR B 147 26.03 45.40 17.16
C TYR B 147 24.73 44.95 17.84
N LEU B 148 23.74 44.58 17.01
CA LEU B 148 22.47 44.06 17.46
C LEU B 148 22.62 42.57 17.73
N ARG B 149 22.41 42.15 18.98
CA ARG B 149 22.54 40.76 19.37
C ARG B 149 21.12 40.20 19.49
N LEU B 150 20.70 39.50 18.43
CA LEU B 150 19.38 38.89 18.33
C LEU B 150 19.27 37.72 19.31
N THR B 151 18.11 37.56 19.97
CA THR B 151 17.84 36.54 20.99
C THR B 151 16.74 35.55 20.60
N SER B 152 15.77 35.98 19.75
CA SER B 152 14.62 35.20 19.34
C SER B 152 14.26 35.44 17.88
N ALA B 153 13.63 34.41 17.30
CA ALA B 153 12.93 34.54 16.04
C ALA B 153 11.67 33.66 16.04
N SER B 154 10.59 34.18 15.45
CA SER B 154 9.47 33.38 14.97
C SER B 154 9.33 33.56 13.46
N ALA B 155 8.79 32.51 12.84
CA ALA B 155 8.49 32.47 11.43
C ALA B 155 7.05 32.00 11.22
N ALA B 156 6.28 32.64 10.31
CA ALA B 156 4.95 32.17 9.97
C ALA B 156 4.86 31.84 8.48
N ILE B 157 5.09 30.57 8.13
CA ILE B 157 5.08 30.13 6.73
C ILE B 157 3.62 30.00 6.31
N GLU B 158 3.34 30.60 5.16
CA GLU B 158 2.18 30.34 4.33
C GLU B 158 2.71 29.45 3.20
N PRO B 159 2.41 28.13 3.17
CA PRO B 159 3.08 27.20 2.26
C PRO B 159 2.69 27.24 0.80
N GLY B 160 1.58 27.92 0.45
CA GLY B 160 1.04 27.90 -0.90
C GLY B 160 0.56 26.52 -1.33
N THR B 161 0.68 26.23 -2.64
CA THR B 161 0.19 24.97 -3.21
C THR B 161 1.34 23.98 -3.30
N PRO B 162 1.34 22.89 -2.46
CA PRO B 162 2.39 21.85 -2.47
C PRO B 162 2.19 20.77 -3.51
N THR B 163 3.26 20.37 -4.23
CA THR B 163 3.30 19.14 -5.03
C THR B 163 4.55 18.32 -4.66
N ALA B 164 4.41 16.98 -4.70
CA ALA B 164 5.37 16.08 -4.08
C ALA B 164 5.69 14.89 -4.99
N ASP B 165 6.98 14.51 -4.98
CA ASP B 165 7.47 13.22 -5.45
C ASP B 165 8.26 12.61 -4.29
N ILE B 166 7.70 11.54 -3.69
CA ILE B 166 8.25 10.93 -2.49
C ILE B 166 8.40 9.41 -2.71
N LYS B 167 9.65 8.95 -2.57
CA LYS B 167 10.04 7.56 -2.74
C LYS B 167 10.25 6.93 -1.36
N GLY B 168 10.23 5.58 -1.33
CA GLY B 168 10.59 4.78 -0.17
C GLY B 168 9.43 3.99 0.44
N PHE B 169 8.21 4.23 -0.09
CA PHE B 169 7.03 3.54 0.39
C PHE B 169 6.79 2.38 -0.55
N PHE B 170 6.37 1.25 0.06
CA PHE B 170 6.30 -0.06 -0.53
C PHE B 170 7.44 -0.27 -1.53
N PRO B 171 8.73 -0.19 -1.12
CA PRO B 171 9.84 -0.38 -2.08
C PRO B 171 9.89 -1.70 -2.86
N GLN B 172 9.25 -2.74 -2.30
CA GLN B 172 9.42 -4.14 -2.67
C GLN B 172 8.54 -4.50 -3.84
N PHE B 173 7.62 -3.61 -4.25
CA PHE B 173 7.03 -3.67 -5.58
C PHE B 173 7.02 -2.29 -6.21
N PRO B 174 7.75 -2.06 -7.34
CA PRO B 174 7.80 -0.73 -7.96
C PRO B 174 6.49 0.02 -8.30
N PRO B 175 5.44 -0.59 -8.92
CA PRO B 175 4.16 0.11 -9.16
C PRO B 175 3.44 0.64 -7.91
N LEU B 176 3.58 -0.09 -6.81
CA LEU B 176 3.03 0.30 -5.51
C LEU B 176 3.81 1.50 -4.94
N GLU B 177 5.13 1.54 -5.12
CA GLU B 177 5.92 2.70 -4.77
C GLU B 177 5.51 3.94 -5.59
N ALA B 178 5.32 3.78 -6.90
CA ALA B 178 4.88 4.82 -7.83
C ALA B 178 3.50 5.39 -7.46
N ALA B 179 2.55 4.51 -7.10
CA ALA B 179 1.24 4.88 -6.58
C ALA B 179 1.31 5.55 -5.19
N ALA B 180 2.20 5.10 -4.29
CA ALA B 180 2.42 5.75 -2.99
C ALA B 180 3.05 7.16 -3.16
N SER B 181 3.88 7.35 -4.20
CA SER B 181 4.38 8.67 -4.58
C SER B 181 3.24 9.58 -5.04
N ALA B 182 2.31 9.05 -5.88
CA ALA B 182 1.12 9.73 -6.36
C ALA B 182 0.22 10.17 -5.22
N PHE B 183 -0.06 9.23 -4.29
CA PHE B 183 -0.91 9.44 -3.13
C PHE B 183 -0.35 10.55 -2.25
N ALA B 184 0.98 10.59 -2.09
CA ALA B 184 1.67 11.60 -1.33
C ALA B 184 1.44 13.01 -1.91
N SER B 185 1.40 13.15 -3.24
CA SER B 185 1.16 14.42 -3.96
C SER B 185 -0.26 14.92 -3.71
N VAL B 186 -1.26 14.01 -3.76
CA VAL B 186 -2.66 14.30 -3.47
C VAL B 186 -2.88 14.73 -2.01
N VAL B 187 -2.20 14.10 -1.03
CA VAL B 187 -2.34 14.44 0.38
C VAL B 187 -1.40 15.58 0.81
N ALA B 188 -0.41 15.96 -0.02
CA ALA B 188 0.62 16.93 0.36
C ALA B 188 0.05 18.26 0.87
N PRO B 189 -1.01 18.91 0.30
CA PRO B 189 -1.56 20.12 0.92
C PRO B 189 -1.87 19.96 2.42
N ASP B 190 -2.54 18.84 2.76
CA ASP B 190 -3.01 18.53 4.10
C ASP B 190 -1.86 18.23 5.05
N VAL B 191 -0.93 17.41 4.57
CA VAL B 191 0.26 17.00 5.31
C VAL B 191 1.08 18.24 5.66
N VAL B 192 1.31 19.14 4.67
CA VAL B 192 2.12 20.35 4.86
C VAL B 192 1.42 21.29 5.86
N GLN B 193 0.10 21.42 5.74
CA GLN B 193 -0.74 22.23 6.61
C GLN B 193 -0.64 21.75 8.04
N SER B 194 -0.58 20.43 8.28
CA SER B 194 -0.45 19.92 9.64
C SER B 194 1.00 19.89 10.13
N LEU B 195 1.97 20.01 9.20
CA LEU B 195 3.39 20.17 9.54
C LEU B 195 3.76 21.61 9.87
N LYS B 196 2.88 22.57 9.56
CA LYS B 196 3.17 24.00 9.54
C LYS B 196 3.74 24.45 10.90
N PRO B 197 3.18 24.12 12.10
CA PRO B 197 3.84 24.44 13.36
C PRO B 197 5.26 23.93 13.61
N THR B 198 5.56 22.69 13.14
CA THR B 198 6.89 22.11 13.19
C THR B 198 7.85 22.92 12.29
N LEU B 199 7.38 23.23 11.06
CA LEU B 199 8.14 23.94 10.05
C LEU B 199 8.42 25.37 10.47
N ASP B 200 7.43 26.02 11.10
CA ASP B 200 7.53 27.34 11.69
C ASP B 200 8.66 27.38 12.72
N LYS B 201 8.71 26.45 13.70
CA LYS B 201 9.72 26.48 14.77
C LYS B 201 11.14 26.24 14.20
N TRP B 202 11.23 25.29 13.27
CA TRP B 202 12.42 25.00 12.47
C TRP B 202 12.95 26.21 11.69
N LEU B 203 12.10 26.85 10.88
CA LEU B 203 12.50 28.01 10.11
C LEU B 203 12.98 29.14 11.03
N GLY B 204 12.23 29.39 12.14
CA GLY B 204 12.58 30.32 13.21
C GLY B 204 14.03 30.17 13.66
N GLY B 205 14.44 28.92 13.95
CA GLY B 205 15.77 28.58 14.41
C GLY B 205 16.88 28.92 13.40
N VAL B 206 16.60 28.58 12.11
CA VAL B 206 17.46 28.84 10.97
C VAL B 206 17.61 30.33 10.75
N ALA B 207 16.47 31.04 10.73
CA ALA B 207 16.42 32.49 10.60
C ALA B 207 17.17 33.19 11.74
N LEU B 208 17.05 32.68 12.98
CA LEU B 208 17.82 33.18 14.13
C LEU B 208 19.32 33.04 13.86
N GLN B 209 19.78 31.82 13.53
CA GLN B 209 21.20 31.49 13.43
C GLN B 209 21.83 32.24 12.26
N ARG B 210 21.10 32.32 11.13
CA ARG B 210 21.64 32.92 9.92
C ARG B 210 21.70 34.45 9.99
N ALA B 211 20.72 35.09 10.63
CA ALA B 211 20.74 36.54 10.85
C ALA B 211 21.81 36.93 11.87
N GLN B 212 21.96 36.14 12.94
CA GLN B 212 22.95 36.40 13.98
C GLN B 212 24.36 36.48 13.39
N ALA B 213 24.63 35.66 12.37
CA ALA B 213 25.88 35.61 11.65
C ALA B 213 26.11 36.93 10.92
N VAL B 214 25.05 37.50 10.34
CA VAL B 214 25.08 38.80 9.67
C VAL B 214 25.22 39.95 10.68
N PHE B 215 24.42 39.90 11.74
CA PHE B 215 24.41 40.95 12.74
C PHE B 215 25.63 40.91 13.66
N SER B 216 26.34 39.76 13.78
CA SER B 216 27.71 39.66 14.28
C SER B 216 28.72 40.53 13.51
N SER B 217 28.62 40.48 12.19
CA SER B 217 29.67 40.97 11.31
C SER B 217 29.50 42.45 10.98
N VAL B 218 28.27 42.92 10.74
CA VAL B 218 27.97 44.29 10.33
C VAL B 218 27.25 45.00 11.47
N SER B 219 27.80 46.18 11.84
CA SER B 219 27.34 46.94 13.00
C SER B 219 26.03 47.64 12.66
N TYR B 220 25.22 47.86 13.71
CA TYR B 220 23.90 48.48 13.66
C TYR B 220 24.00 49.93 13.16
N ASP B 221 25.10 50.63 13.55
CA ASP B 221 25.43 52.00 13.17
C ASP B 221 25.82 52.14 11.68
N ALA B 222 26.41 51.08 11.09
CA ALA B 222 26.81 51.03 9.69
C ALA B 222 25.62 50.77 8.77
N LEU B 223 24.73 49.84 9.19
CA LEU B 223 23.49 49.52 8.51
C LEU B 223 22.52 50.70 8.53
N PHE B 224 22.30 51.26 9.73
CA PHE B 224 21.32 52.31 9.96
C PHE B 224 22.00 53.51 10.62
N PRO B 225 22.71 54.41 9.89
CA PRO B 225 23.28 55.62 10.51
C PRO B 225 22.21 56.57 11.10
N GLY B 226 22.56 57.20 12.24
CA GLY B 226 21.90 58.38 12.77
C GLY B 226 20.73 57.99 13.67
N ARG B 227 21.03 57.38 14.84
CA ARG B 227 20.03 56.87 15.78
C ARG B 227 20.66 56.71 17.18
C1 BCR C . -5.33 -13.12 -2.19
C2 BCR C . -4.30 -12.01 -2.02
C3 BCR C . -2.92 -12.36 -2.41
C4 BCR C . -2.87 -12.88 -3.85
C5 BCR C . -3.96 -13.87 -4.19
C6 BCR C . -5.08 -13.97 -3.44
C7 BCR C . -6.24 -14.86 -3.78
C8 BCR C . -6.27 -16.21 -4.14
C9 BCR C . -7.46 -16.94 -4.40
C10 BCR C . -7.37 -18.34 -4.51
C11 BCR C . -8.38 -19.28 -4.68
C33 BCR C . -3.70 -14.62 -5.48
C31 BCR C . -6.72 -12.45 -2.19
C32 BCR C . -5.30 -14.04 -0.97
C34 BCR C . -8.80 -16.32 -4.69
C12 BCR C . -8.25 -20.60 -5.01
C13 BCR C . -9.17 -21.54 -5.59
C14 BCR C . -8.68 -22.83 -6.02
C15 BCR C . -9.36 -23.90 -6.49
C16 BCR C . -8.92 -25.01 -7.11
C17 BCR C . -9.71 -26.09 -7.40
C18 BCR C . -9.52 -27.18 -8.24
C19 BCR C . -10.57 -28.07 -8.39
C20 BCR C . -10.66 -29.19 -9.10
C21 BCR C . -11.67 -30.12 -9.22
C22 BCR C . -11.74 -31.29 -10.03
C23 BCR C . -12.93 -32.02 -10.06
C24 BCR C . -13.08 -33.26 -10.56
C25 BCR C . -14.28 -34.02 -10.75
C26 BCR C . -15.43 -33.50 -11.24
C27 BCR C . -16.69 -34.31 -11.23
C28 BCR C . -16.63 -35.69 -10.54
C29 BCR C . -15.32 -36.37 -10.62
C30 BCR C . -14.15 -35.45 -10.24
C35 BCR C . -10.64 -21.16 -5.85
C36 BCR C . -8.27 -27.35 -9.03
C37 BCR C . -10.56 -31.66 -10.93
C38 BCR C . -15.59 -32.16 -11.90
C39 BCR C . -12.88 -36.14 -10.78
C40 BCR C . -14.03 -35.39 -8.71
C1 BCR D . 14.29 36.70 3.95
C2 BCR D . 15.69 37.31 4.14
C3 BCR D . 16.81 36.34 3.93
C4 BCR D . 16.73 35.67 2.55
C5 BCR D . 15.33 35.33 2.10
C6 BCR D . 14.30 35.53 2.98
C7 BCR D . 13.09 34.78 2.94
C8 BCR D . 12.95 33.43 2.81
C9 BCR D . 11.78 32.73 2.63
C10 BCR D . 11.75 31.38 2.96
C11 BCR D . 10.73 30.45 2.67
C33 BCR D . 15.27 34.68 0.74
C31 BCR D . 13.42 37.83 3.40
C32 BCR D . 13.72 36.26 5.32
C34 BCR D . 10.52 33.39 1.99
C12 BCR D . 10.63 29.14 3.07
C13 BCR D . 9.53 28.27 3.08
C14 BCR D . 9.78 26.93 3.45
C15 BCR D . 9.05 25.75 3.25
C16 BCR D . 9.51 24.45 3.54
C17 BCR D . 8.79 23.27 3.74
C18 BCR D . 9.23 21.91 3.89
C19 BCR D . 8.23 20.86 3.77
C20 BCR D . 8.40 19.49 3.73
C21 BCR D . 7.46 18.54 3.41
C22 BCR D . 7.62 17.18 3.19
C23 BCR D . 6.52 16.31 3.21
C24 BCR D . 6.53 14.94 3.04
C25 BCR D . 5.39 13.99 2.97
C26 BCR D . 4.24 14.28 2.30
C27 BCR D . 3.06 13.33 2.34
C28 BCR D . 3.11 12.23 3.42
C29 BCR D . 4.49 11.69 3.68
C30 BCR D . 5.54 12.78 3.88
C35 BCR D . 8.11 28.76 2.73
C36 BCR D . 10.71 21.57 4.08
C37 BCR D . 8.97 16.78 2.73
C38 BCR D . 3.98 15.49 1.44
C39 BCR D . 6.92 12.10 3.76
C40 BCR D . 5.44 13.23 5.33
#